data_1DKC
#
_entry.id   1DKC
#
_cell.length_a   1.000
_cell.length_b   1.000
_cell.length_c   1.000
_cell.angle_alpha   90.00
_cell.angle_beta   90.00
_cell.angle_gamma   90.00
#
_symmetry.space_group_name_H-M   'P 1'
#
_entity_poly.entity_id   1
_entity_poly.type   'polypeptide(L)'
_entity_poly.pdbx_seq_one_letter_code
;AGCIKNGGRCNASAGPPYCCSSYCFQIAGQSYGVCKNR
;
_entity_poly.pdbx_strand_id   A
#
# COMPACT_ATOMS: atom_id res chain seq x y z
N ALA A 1 0.05 10.78 7.37
CA ALA A 1 1.41 10.45 7.91
C ALA A 1 2.41 10.30 6.75
N GLY A 2 3.64 9.93 7.05
CA GLY A 2 4.65 9.77 5.96
C GLY A 2 4.31 8.56 5.08
N CYS A 3 4.92 8.46 3.92
CA CYS A 3 4.64 7.31 3.01
C CYS A 3 5.84 7.07 2.07
N ILE A 4 5.80 6.02 1.28
CA ILE A 4 6.93 5.76 0.33
C ILE A 4 6.41 5.54 -1.09
N LYS A 5 6.92 6.30 -2.03
CA LYS A 5 6.46 6.16 -3.45
C LYS A 5 7.11 4.93 -4.11
N ASN A 6 8.41 4.82 -4.04
CA ASN A 6 9.11 3.65 -4.67
C ASN A 6 9.25 2.50 -3.65
N GLY A 7 8.15 1.97 -3.18
CA GLY A 7 8.23 0.84 -2.20
C GLY A 7 7.45 1.16 -0.92
N GLY A 8 6.16 1.38 -1.03
CA GLY A 8 5.35 1.68 0.20
C GLY A 8 4.63 0.41 0.66
N ARG A 9 4.28 0.33 1.91
CA ARG A 9 3.58 -0.90 2.42
C ARG A 9 2.10 -0.59 2.71
N CYS A 10 1.20 -1.43 2.24
CA CYS A 10 -0.26 -1.20 2.52
C CYS A 10 -0.99 -2.52 2.76
N ASN A 11 -2.24 -2.45 3.14
CA ASN A 11 -3.03 -3.70 3.39
C ASN A 11 -4.50 -3.48 3.02
N ALA A 12 -4.89 -3.94 1.85
CA ALA A 12 -6.32 -3.78 1.41
C ALA A 12 -7.22 -4.79 2.14
N SER A 13 -6.65 -5.75 2.83
CA SER A 13 -7.46 -6.76 3.56
C SER A 13 -7.70 -6.35 5.02
N ALA A 14 -6.94 -5.40 5.53
CA ALA A 14 -7.13 -4.96 6.94
C ALA A 14 -7.43 -3.46 7.04
N GLY A 15 -8.23 -2.94 6.12
CA GLY A 15 -8.57 -1.49 6.17
C GLY A 15 -7.47 -0.66 5.49
N PRO A 16 -7.51 -0.65 4.17
CA PRO A 16 -6.49 0.12 3.39
C PRO A 16 -6.67 1.64 3.60
N PRO A 17 -5.71 2.24 4.29
CA PRO A 17 -5.77 3.70 4.55
C PRO A 17 -5.39 4.49 3.28
N TYR A 18 -4.12 4.59 2.98
CA TYR A 18 -3.68 5.34 1.76
C TYR A 18 -2.18 5.12 1.49
N CYS A 19 -1.81 4.93 0.26
CA CYS A 19 -0.36 4.72 -0.06
C CYS A 19 0.31 6.08 -0.38
N CYS A 20 1.57 6.07 -0.71
CA CYS A 20 2.28 7.36 -1.02
C CYS A 20 1.88 7.89 -2.40
N SER A 21 1.61 7.03 -3.34
CA SER A 21 1.23 7.52 -4.70
C SER A 21 -0.14 6.97 -5.14
N SER A 22 -1.00 6.69 -4.20
CA SER A 22 -2.38 6.16 -4.50
C SER A 22 -2.37 4.72 -5.02
N TYR A 23 -1.22 4.12 -5.23
CA TYR A 23 -1.22 2.71 -5.73
C TYR A 23 -0.83 1.74 -4.61
N CYS A 24 -1.36 0.55 -4.67
CA CYS A 24 -1.03 -0.50 -3.64
C CYS A 24 -1.20 -1.89 -4.28
N PHE A 25 -0.13 -2.64 -4.36
CA PHE A 25 -0.20 -4.00 -4.98
C PHE A 25 -0.22 -5.07 -3.89
N GLN A 26 -1.32 -5.73 -3.70
CA GLN A 26 -1.39 -6.79 -2.65
C GLN A 26 -1.86 -8.13 -3.27
N ILE A 27 -1.40 -9.23 -2.73
CA ILE A 27 -1.83 -10.56 -3.28
C ILE A 27 -2.54 -11.40 -2.21
N ALA A 28 -3.23 -12.43 -2.62
CA ALA A 28 -3.96 -13.30 -1.64
C ALA A 28 -3.04 -14.40 -1.09
N GLY A 29 -2.37 -14.13 0.01
CA GLY A 29 -1.46 -15.16 0.61
C GLY A 29 -1.17 -14.78 2.06
N GLN A 30 -0.42 -13.72 2.28
CA GLN A 30 -0.10 -13.29 3.67
C GLN A 30 -0.81 -11.96 4.02
N SER A 31 -1.65 -11.46 3.14
CA SER A 31 -2.36 -10.15 3.41
C SER A 31 -1.35 -9.01 3.41
N TYR A 32 -0.65 -8.84 2.32
CA TYR A 32 0.37 -7.74 2.25
C TYR A 32 0.32 -7.04 0.88
N GLY A 33 0.38 -5.73 0.89
CA GLY A 33 0.33 -4.96 -0.40
C GLY A 33 1.49 -3.96 -0.45
N VAL A 34 1.94 -3.64 -1.63
CA VAL A 34 3.07 -2.65 -1.75
C VAL A 34 2.59 -1.42 -2.53
N CYS A 35 2.92 -0.24 -2.09
CA CYS A 35 2.44 0.97 -2.80
C CYS A 35 3.39 1.39 -3.92
N LYS A 36 2.84 2.03 -4.90
CA LYS A 36 3.66 2.50 -6.06
C LYS A 36 3.04 3.76 -6.70
N ASN A 37 3.59 4.18 -7.81
CA ASN A 37 3.08 5.40 -8.52
C ASN A 37 1.78 5.08 -9.28
N ARG A 38 1.35 5.96 -10.15
CA ARG A 38 0.12 5.73 -10.94
C ARG A 38 0.20 6.45 -12.29
N ALA A 1 -0.52 9.83 8.62
CA ALA A 1 0.60 10.82 8.70
C ALA A 1 1.76 10.36 7.81
N GLY A 2 2.09 11.13 6.80
CA GLY A 2 3.21 10.71 5.88
C GLY A 2 2.68 9.72 4.85
N CYS A 3 3.45 9.46 3.82
CA CYS A 3 3.00 8.49 2.76
C CYS A 3 4.20 7.98 1.95
N ILE A 4 4.10 6.80 1.38
CA ILE A 4 5.25 6.28 0.57
C ILE A 4 5.01 6.58 -0.91
N LYS A 5 6.00 7.13 -1.57
CA LYS A 5 5.84 7.48 -3.02
C LYS A 5 5.91 6.24 -3.93
N ASN A 6 7.08 5.69 -4.11
CA ASN A 6 7.20 4.47 -4.99
C ASN A 6 7.87 3.32 -4.23
N GLY A 7 7.11 2.37 -3.76
CA GLY A 7 7.70 1.21 -3.01
C GLY A 7 7.31 1.28 -1.53
N GLY A 8 6.03 1.20 -1.24
CA GLY A 8 5.60 1.25 0.20
C GLY A 8 4.93 -0.07 0.58
N ARG A 9 4.11 -0.06 1.60
CA ARG A 9 3.41 -1.32 2.02
C ARG A 9 1.95 -1.02 2.39
N CYS A 10 1.02 -1.79 1.91
CA CYS A 10 -0.41 -1.53 2.27
C CYS A 10 -1.10 -2.80 2.79
N ASN A 11 -2.25 -2.64 3.41
CA ASN A 11 -2.99 -3.82 3.96
C ASN A 11 -4.34 -3.99 3.24
N ALA A 12 -5.10 -5.01 3.58
CA ALA A 12 -6.41 -5.25 2.91
C ALA A 12 -7.53 -4.36 3.52
N SER A 13 -7.25 -3.68 4.61
CA SER A 13 -8.30 -2.81 5.23
C SER A 13 -7.82 -1.36 5.30
N ALA A 14 -8.55 -0.51 5.98
CA ALA A 14 -8.14 0.92 6.10
C ALA A 14 -7.42 1.17 7.43
N GLY A 15 -6.44 2.03 7.43
CA GLY A 15 -5.69 2.32 8.69
C GLY A 15 -4.39 3.04 8.37
N PRO A 16 -3.42 2.90 9.26
CA PRO A 16 -2.10 3.56 9.06
C PRO A 16 -1.32 3.04 7.82
N PRO A 17 -1.46 1.77 7.46
CA PRO A 17 -0.72 1.24 6.29
C PRO A 17 -1.41 1.66 4.97
N TYR A 18 -1.43 2.94 4.67
CA TYR A 18 -2.08 3.39 3.39
C TYR A 18 -1.02 3.87 2.38
N CYS A 19 -1.37 3.96 1.12
CA CYS A 19 -0.40 4.41 0.07
C CYS A 19 -0.42 5.94 -0.08
N CYS A 20 0.47 6.49 -0.87
CA CYS A 20 0.49 7.99 -1.02
C CYS A 20 -0.40 8.49 -2.16
N SER A 21 -0.31 7.91 -3.33
CA SER A 21 -1.15 8.41 -4.47
C SER A 21 -2.39 7.53 -4.65
N SER A 22 -2.21 6.35 -5.17
CA SER A 22 -3.38 5.43 -5.37
C SER A 22 -2.94 4.04 -5.86
N TYR A 23 -1.71 3.64 -5.60
CA TYR A 23 -1.28 2.29 -6.07
C TYR A 23 -0.88 1.42 -4.88
N CYS A 24 -1.26 0.18 -4.94
CA CYS A 24 -0.92 -0.80 -3.87
C CYS A 24 -0.88 -2.21 -4.47
N PHE A 25 0.29 -2.79 -4.60
CA PHE A 25 0.37 -4.17 -5.17
C PHE A 25 0.24 -5.19 -4.04
N GLN A 26 -0.96 -5.44 -3.61
CA GLN A 26 -1.18 -6.41 -2.49
C GLN A 26 -1.86 -7.68 -3.03
N ILE A 27 -1.66 -8.79 -2.36
CA ILE A 27 -2.29 -10.08 -2.82
C ILE A 27 -3.23 -10.65 -1.74
N ALA A 28 -4.01 -11.64 -2.07
CA ALA A 28 -4.95 -12.23 -1.07
C ALA A 28 -4.26 -13.35 -0.28
N GLY A 29 -4.31 -13.29 1.03
CA GLY A 29 -3.66 -14.35 1.86
C GLY A 29 -3.22 -13.77 3.21
N GLN A 30 -2.46 -12.71 3.19
CA GLN A 30 -1.97 -12.09 4.47
C GLN A 30 -2.29 -10.58 4.54
N SER A 31 -3.04 -10.06 3.60
CA SER A 31 -3.37 -8.59 3.61
C SER A 31 -2.08 -7.75 3.55
N TYR A 32 -1.24 -8.05 2.59
CA TYR A 32 0.04 -7.28 2.46
C TYR A 32 0.34 -6.97 0.98
N GLY A 33 0.83 -5.79 0.72
CA GLY A 33 1.15 -5.39 -0.69
C GLY A 33 2.08 -4.18 -0.68
N VAL A 34 2.49 -3.72 -1.82
CA VAL A 34 3.40 -2.52 -1.86
C VAL A 34 2.71 -1.33 -2.52
N CYS A 35 2.83 -0.16 -1.93
CA CYS A 35 2.17 1.04 -2.54
C CYS A 35 3.09 1.72 -3.55
N LYS A 36 2.48 2.47 -4.41
CA LYS A 36 3.24 3.21 -5.47
C LYS A 36 2.49 4.48 -5.85
N ASN A 37 3.13 5.37 -6.56
CA ASN A 37 2.44 6.62 -7.00
C ASN A 37 1.68 6.30 -8.29
N ARG A 38 2.39 5.90 -9.31
CA ARG A 38 1.76 5.53 -10.60
C ARG A 38 2.79 4.86 -11.51
N ALA A 1 0.92 8.53 9.10
CA ALA A 1 1.97 7.47 9.10
C ALA A 1 3.02 7.74 8.01
N GLY A 2 4.08 6.97 7.97
CA GLY A 2 5.13 7.19 6.93
C GLY A 2 4.78 6.42 5.65
N CYS A 3 5.10 6.96 4.50
CA CYS A 3 4.77 6.25 3.22
C CYS A 3 5.90 6.41 2.19
N ILE A 4 5.95 5.55 1.21
CA ILE A 4 7.02 5.63 0.17
C ILE A 4 6.38 5.61 -1.23
N LYS A 5 6.35 6.75 -1.89
CA LYS A 5 5.74 6.83 -3.25
C LYS A 5 6.34 5.81 -4.22
N ASN A 6 7.61 5.50 -4.07
CA ASN A 6 8.25 4.51 -4.99
C ASN A 6 8.29 3.09 -4.40
N GLY A 7 7.64 2.85 -3.28
CA GLY A 7 7.67 1.46 -2.71
C GLY A 7 7.14 1.43 -1.27
N GLY A 8 5.93 1.85 -1.05
CA GLY A 8 5.34 1.80 0.33
C GLY A 8 4.69 0.43 0.57
N ARG A 9 4.09 0.21 1.71
CA ARG A 9 3.45 -1.11 1.97
C ARG A 9 2.06 -0.94 2.59
N CYS A 10 1.10 -1.75 2.20
CA CYS A 10 -0.27 -1.62 2.80
C CYS A 10 -0.99 -2.98 2.81
N ASN A 11 -2.27 -2.96 3.05
CA ASN A 11 -3.07 -4.23 3.08
C ASN A 11 -4.54 -3.97 2.68
N ALA A 12 -5.42 -4.90 2.95
CA ALA A 12 -6.86 -4.71 2.58
C ALA A 12 -7.64 -4.06 3.74
N SER A 13 -7.25 -2.87 4.14
CA SER A 13 -7.96 -2.18 5.27
C SER A 13 -7.94 -0.66 5.04
N ALA A 14 -9.09 -0.02 4.96
CA ALA A 14 -9.10 1.46 4.76
C ALA A 14 -8.80 2.19 6.08
N GLY A 15 -7.56 2.16 6.52
CA GLY A 15 -7.21 2.85 7.81
C GLY A 15 -5.83 3.52 7.69
N PRO A 16 -5.04 3.39 8.74
CA PRO A 16 -3.69 4.00 8.78
C PRO A 16 -2.68 3.43 7.74
N PRO A 17 -2.77 2.15 7.41
CA PRO A 17 -1.80 1.57 6.43
C PRO A 17 -2.13 2.03 5.00
N TYR A 18 -2.06 3.31 4.74
CA TYR A 18 -2.35 3.81 3.36
C TYR A 18 -1.04 4.02 2.58
N CYS A 19 -1.12 4.06 1.27
CA CYS A 19 0.13 4.24 0.46
C CYS A 19 0.56 5.71 0.40
N CYS A 20 1.68 5.99 -0.22
CA CYS A 20 2.19 7.40 -0.27
C CYS A 20 1.63 8.18 -1.46
N SER A 21 1.35 7.54 -2.55
CA SER A 21 0.83 8.27 -3.74
C SER A 21 -0.63 7.85 -4.02
N SER A 22 -0.83 6.68 -4.56
CA SER A 22 -2.22 6.22 -4.86
C SER A 22 -2.28 4.75 -5.32
N TYR A 23 -1.22 3.98 -5.16
CA TYR A 23 -1.28 2.57 -5.64
C TYR A 23 -0.77 1.59 -4.58
N CYS A 24 -1.26 0.38 -4.62
CA CYS A 24 -0.79 -0.68 -3.67
C CYS A 24 -1.00 -2.07 -4.30
N PHE A 25 0.07 -2.78 -4.54
CA PHE A 25 -0.06 -4.14 -5.14
C PHE A 25 -0.07 -5.20 -4.03
N GLN A 26 -1.24 -5.65 -3.65
CA GLN A 26 -1.34 -6.67 -2.56
C GLN A 26 -1.80 -8.01 -3.12
N ILE A 27 -1.49 -9.09 -2.44
CA ILE A 27 -1.92 -10.43 -2.95
C ILE A 27 -2.71 -11.19 -1.86
N ALA A 28 -3.34 -12.28 -2.22
CA ALA A 28 -4.15 -13.05 -1.23
C ALA A 28 -3.26 -13.82 -0.24
N GLY A 29 -3.84 -14.29 0.84
CA GLY A 29 -3.07 -15.04 1.87
C GLY A 29 -3.35 -14.43 3.24
N GLN A 30 -3.21 -13.13 3.33
CA GLN A 30 -3.46 -12.41 4.61
C GLN A 30 -3.93 -10.97 4.33
N SER A 31 -2.98 -10.09 4.05
CA SER A 31 -3.31 -8.66 3.74
C SER A 31 -2.00 -7.87 3.60
N TYR A 32 -1.28 -8.09 2.52
CA TYR A 32 0.02 -7.36 2.34
C TYR A 32 0.17 -6.88 0.88
N GLY A 33 0.44 -5.62 0.69
CA GLY A 33 0.60 -5.10 -0.70
C GLY A 33 1.73 -4.06 -0.76
N VAL A 34 2.21 -3.77 -1.93
CA VAL A 34 3.30 -2.74 -2.05
C VAL A 34 2.74 -1.47 -2.70
N CYS A 35 3.06 -0.33 -2.18
CA CYS A 35 2.51 0.93 -2.75
C CYS A 35 3.39 1.48 -3.86
N LYS A 36 2.77 2.23 -4.72
CA LYS A 36 3.49 2.86 -5.87
C LYS A 36 2.79 4.16 -6.26
N ASN A 37 3.11 4.70 -7.41
CA ASN A 37 2.48 5.99 -7.86
C ASN A 37 0.95 5.84 -7.99
N ARG A 38 0.47 5.22 -9.04
CA ARG A 38 -1.00 5.06 -9.22
C ARG A 38 -1.32 3.98 -10.25
N ALA A 1 0.64 9.83 8.29
CA ALA A 1 1.79 10.79 8.29
C ALA A 1 2.98 10.18 7.53
N GLY A 2 3.33 10.74 6.40
CA GLY A 2 4.48 10.18 5.62
C GLY A 2 3.97 9.13 4.62
N CYS A 3 4.78 8.80 3.64
CA CYS A 3 4.35 7.79 2.61
C CYS A 3 5.59 7.10 2.02
N ILE A 4 5.40 6.04 1.29
CA ILE A 4 6.58 5.33 0.67
C ILE A 4 6.36 5.13 -0.83
N LYS A 5 6.73 6.11 -1.62
CA LYS A 5 6.56 6.02 -3.09
C LYS A 5 7.49 4.95 -3.72
N ASN A 6 8.51 4.53 -3.01
CA ASN A 6 9.45 3.51 -3.56
C ASN A 6 9.10 2.10 -3.06
N GLY A 7 7.86 1.70 -3.19
CA GLY A 7 7.45 0.33 -2.72
C GLY A 7 6.96 0.37 -1.27
N GLY A 8 6.00 1.21 -0.97
CA GLY A 8 5.47 1.28 0.43
C GLY A 8 4.69 0.00 0.76
N ARG A 9 4.01 -0.04 1.87
CA ARG A 9 3.23 -1.26 2.22
C ARG A 9 1.77 -0.92 2.50
N CYS A 10 0.86 -1.71 1.99
CA CYS A 10 -0.59 -1.45 2.23
C CYS A 10 -1.39 -2.75 2.23
N ASN A 11 -2.66 -2.66 2.56
CA ASN A 11 -3.55 -3.85 2.59
C ASN A 11 -5.01 -3.42 2.38
N ALA A 12 -5.79 -4.20 1.69
CA ALA A 12 -7.22 -3.83 1.45
C ALA A 12 -8.05 -3.83 2.75
N SER A 13 -7.60 -4.51 3.78
CA SER A 13 -8.38 -4.54 5.06
C SER A 13 -7.54 -4.03 6.23
N ALA A 14 -6.85 -2.92 6.05
CA ALA A 14 -6.01 -2.37 7.18
C ALA A 14 -6.47 -0.95 7.53
N GLY A 15 -6.19 0.02 6.69
CA GLY A 15 -6.61 1.43 7.00
C GLY A 15 -5.39 2.35 7.10
N PRO A 16 -4.68 2.24 8.21
CA PRO A 16 -3.49 3.10 8.44
C PRO A 16 -2.36 2.92 7.39
N PRO A 17 -2.11 1.70 6.92
CA PRO A 17 -1.02 1.51 5.91
C PRO A 17 -1.47 2.04 4.54
N TYR A 18 -1.67 3.34 4.43
CA TYR A 18 -2.11 3.93 3.13
C TYR A 18 -0.90 4.17 2.20
N CYS A 19 -1.14 4.30 0.92
CA CYS A 19 -0.01 4.53 -0.05
C CYS A 19 0.27 6.02 -0.25
N CYS A 20 1.32 6.35 -0.97
CA CYS A 20 1.66 7.81 -1.19
C CYS A 20 0.79 8.47 -2.26
N SER A 21 0.73 7.93 -3.45
CA SER A 21 -0.07 8.58 -4.53
C SER A 21 -1.42 7.88 -4.71
N SER A 22 -1.42 6.71 -5.28
CA SER A 22 -2.71 5.98 -5.48
C SER A 22 -2.49 4.52 -5.93
N TYR A 23 -1.33 3.96 -5.72
CA TYR A 23 -1.12 2.54 -6.15
C TYR A 23 -0.81 1.66 -4.93
N CYS A 24 -1.30 0.46 -4.96
CA CYS A 24 -1.05 -0.51 -3.85
C CYS A 24 -1.11 -1.95 -4.40
N PHE A 25 0.01 -2.62 -4.50
CA PHE A 25 0.01 -4.01 -5.03
C PHE A 25 -0.04 -5.01 -3.87
N GLN A 26 -1.21 -5.40 -3.45
CA GLN A 26 -1.31 -6.37 -2.32
C GLN A 26 -2.01 -7.66 -2.76
N ILE A 27 -1.59 -8.79 -2.22
CA ILE A 27 -2.22 -10.09 -2.61
C ILE A 27 -2.91 -10.74 -1.39
N ALA A 28 -3.77 -11.70 -1.65
CA ALA A 28 -4.50 -12.39 -0.53
C ALA A 28 -3.72 -13.62 -0.02
N GLY A 29 -2.57 -13.92 -0.58
CA GLY A 29 -1.79 -15.11 -0.11
C GLY A 29 -1.30 -14.88 1.33
N GLN A 30 -0.67 -13.75 1.57
CA GLN A 30 -0.18 -13.45 2.95
C GLN A 30 -0.77 -12.13 3.47
N SER A 31 -1.68 -11.51 2.74
CA SER A 31 -2.31 -10.22 3.17
C SER A 31 -1.26 -9.10 3.25
N TYR A 32 -0.46 -8.97 2.22
CA TYR A 32 0.58 -7.89 2.20
C TYR A 32 0.66 -7.24 0.81
N GLY A 33 0.91 -5.95 0.75
CA GLY A 33 0.96 -5.28 -0.58
C GLY A 33 2.02 -4.18 -0.61
N VAL A 34 2.31 -3.68 -1.79
CA VAL A 34 3.33 -2.59 -1.91
C VAL A 34 2.71 -1.37 -2.61
N CYS A 35 2.95 -0.20 -2.09
CA CYS A 35 2.36 1.02 -2.72
C CYS A 35 3.25 1.60 -3.79
N LYS A 36 2.66 2.36 -4.67
CA LYS A 36 3.42 3.01 -5.78
C LYS A 36 2.73 4.32 -6.21
N ASN A 37 3.05 4.80 -7.37
CA ASN A 37 2.42 6.07 -7.87
C ASN A 37 0.93 5.84 -8.21
N ARG A 38 0.63 5.35 -9.37
CA ARG A 38 -0.80 5.10 -9.74
C ARG A 38 -0.88 4.32 -11.07
N ALA A 1 3.52 12.78 6.45
CA ALA A 1 2.85 11.50 6.85
C ALA A 1 3.85 10.32 6.75
N GLY A 2 3.44 9.13 7.10
CA GLY A 2 4.37 7.96 7.02
C GLY A 2 4.08 7.15 5.76
N CYS A 3 4.66 7.51 4.65
CA CYS A 3 4.41 6.73 3.39
C CYS A 3 5.62 6.86 2.45
N ILE A 4 5.70 6.00 1.46
CA ILE A 4 6.84 6.06 0.50
C ILE A 4 6.31 6.29 -0.92
N LYS A 5 6.74 7.35 -1.56
CA LYS A 5 6.24 7.66 -2.94
C LYS A 5 6.39 6.46 -3.88
N ASN A 6 7.51 5.78 -3.83
CA ASN A 6 7.71 4.60 -4.73
C ASN A 6 8.20 3.38 -3.93
N GLY A 7 7.32 2.47 -3.60
CA GLY A 7 7.72 1.26 -2.82
C GLY A 7 7.30 1.41 -1.36
N GLY A 8 6.01 1.40 -1.10
CA GLY A 8 5.52 1.54 0.31
C GLY A 8 4.73 0.28 0.70
N ARG A 9 4.35 0.15 1.94
CA ARG A 9 3.57 -1.05 2.37
C ARG A 9 2.10 -0.68 2.64
N CYS A 10 1.17 -1.46 2.12
CA CYS A 10 -0.28 -1.15 2.35
C CYS A 10 -1.12 -2.43 2.34
N ASN A 11 -2.42 -2.28 2.35
CA ASN A 11 -3.34 -3.46 2.33
C ASN A 11 -4.73 -3.03 1.84
N ALA A 12 -5.35 -3.82 1.01
CA ALA A 12 -6.70 -3.46 0.48
C ALA A 12 -7.79 -3.90 1.46
N SER A 13 -7.76 -3.36 2.66
CA SER A 13 -8.79 -3.72 3.68
C SER A 13 -9.27 -2.46 4.43
N ALA A 14 -9.90 -2.64 5.55
CA ALA A 14 -10.40 -1.45 6.33
C ALA A 14 -9.36 -1.02 7.37
N GLY A 15 -8.62 0.02 7.10
CA GLY A 15 -7.58 0.49 8.07
C GLY A 15 -6.56 1.39 7.37
N PRO A 16 -5.72 0.76 6.57
CA PRO A 16 -4.67 1.52 5.83
C PRO A 16 -5.30 2.44 4.78
N PRO A 17 -5.05 3.73 4.92
CA PRO A 17 -5.60 4.72 3.96
C PRO A 17 -4.85 4.66 2.61
N TYR A 18 -5.00 5.67 1.79
CA TYR A 18 -4.31 5.69 0.47
C TYR A 18 -2.78 5.59 0.64
N CYS A 19 -2.10 5.06 -0.36
CA CYS A 19 -0.60 4.92 -0.26
C CYS A 19 0.08 6.28 -0.39
N CYS A 20 1.39 6.31 -0.49
CA CYS A 20 2.11 7.63 -0.58
C CYS A 20 1.87 8.33 -1.93
N SER A 21 1.84 7.60 -3.01
CA SER A 21 1.63 8.25 -4.34
C SER A 21 0.17 8.05 -4.77
N SER A 22 -0.16 6.85 -5.19
CA SER A 22 -1.56 6.55 -5.61
C SER A 22 -1.76 5.07 -5.98
N TYR A 23 -0.88 4.19 -5.56
CA TYR A 23 -1.05 2.75 -5.91
C TYR A 23 -0.75 1.83 -4.73
N CYS A 24 -1.35 0.68 -4.75
CA CYS A 24 -1.12 -0.35 -3.67
C CYS A 24 -1.33 -1.74 -4.28
N PHE A 25 -0.34 -2.58 -4.25
CA PHE A 25 -0.46 -3.94 -4.86
C PHE A 25 -0.41 -5.03 -3.78
N GLN A 26 -1.47 -5.76 -3.59
CA GLN A 26 -1.46 -6.84 -2.55
C GLN A 26 -1.89 -8.19 -3.15
N ILE A 27 -1.34 -9.26 -2.63
CA ILE A 27 -1.71 -10.62 -3.15
C ILE A 27 -2.02 -11.58 -2.00
N ALA A 28 -2.56 -12.73 -2.32
CA ALA A 28 -2.91 -13.73 -1.26
C ALA A 28 -1.69 -14.53 -0.81
N GLY A 29 -1.73 -15.04 0.39
CA GLY A 29 -0.58 -15.83 0.93
C GLY A 29 -0.19 -15.24 2.29
N GLN A 30 -0.06 -13.95 2.36
CA GLN A 30 0.30 -13.29 3.65
C GLN A 30 -0.51 -12.01 3.90
N SER A 31 -1.37 -11.60 2.97
CA SER A 31 -2.18 -10.36 3.15
C SER A 31 -1.27 -9.13 3.20
N TYR A 32 -0.42 -8.99 2.21
CA TYR A 32 0.51 -7.82 2.19
C TYR A 32 0.40 -7.07 0.86
N GLY A 33 0.32 -5.76 0.91
CA GLY A 33 0.22 -4.94 -0.34
C GLY A 33 1.38 -3.95 -0.43
N VAL A 34 1.81 -3.62 -1.62
CA VAL A 34 2.94 -2.65 -1.76
C VAL A 34 2.46 -1.39 -2.49
N CYS A 35 2.88 -0.23 -2.06
CA CYS A 35 2.43 1.02 -2.74
C CYS A 35 3.35 1.38 -3.90
N LYS A 36 2.83 2.13 -4.82
CA LYS A 36 3.64 2.55 -6.01
C LYS A 36 3.17 3.94 -6.50
N ASN A 37 3.78 4.44 -7.55
CA ASN A 37 3.38 5.79 -8.09
C ASN A 37 1.89 5.80 -8.43
N ARG A 38 1.47 4.99 -9.37
CA ARG A 38 0.03 4.93 -9.75
C ARG A 38 -0.25 3.67 -10.60
N ALA A 1 -1.46 9.80 8.03
CA ALA A 1 -0.40 8.86 8.47
C ALA A 1 0.82 8.93 7.53
N GLY A 2 1.87 8.22 7.85
CA GLY A 2 3.08 8.24 6.97
C GLY A 2 2.75 7.58 5.63
N CYS A 3 2.88 8.30 4.55
CA CYS A 3 2.57 7.72 3.21
C CYS A 3 3.86 7.47 2.42
N ILE A 4 3.91 6.40 1.66
CA ILE A 4 5.13 6.10 0.85
C ILE A 4 4.83 6.37 -0.63
N LYS A 5 5.71 7.09 -1.29
CA LYS A 5 5.47 7.41 -2.74
C LYS A 5 5.67 6.17 -3.63
N ASN A 6 6.66 5.34 -3.33
CA ASN A 6 6.90 4.14 -4.19
C ASN A 6 7.52 3.00 -3.37
N GLY A 7 7.01 1.79 -3.51
CA GLY A 7 7.58 0.62 -2.77
C GLY A 7 7.18 0.66 -1.29
N GLY A 8 6.01 1.14 -0.99
CA GLY A 8 5.56 1.21 0.44
C GLY A 8 4.90 -0.11 0.86
N ARG A 9 4.01 -0.04 1.81
CA ARG A 9 3.31 -1.29 2.28
C ARG A 9 1.84 -0.97 2.57
N CYS A 10 0.93 -1.65 1.91
CA CYS A 10 -0.53 -1.38 2.14
C CYS A 10 -1.37 -2.64 1.87
N ASN A 11 -2.67 -2.48 1.82
CA ASN A 11 -3.58 -3.64 1.55
C ASN A 11 -4.71 -3.20 0.62
N ALA A 12 -5.33 -4.13 -0.08
CA ALA A 12 -6.47 -3.76 -0.99
C ALA A 12 -7.54 -3.01 -0.20
N SER A 13 -7.98 -3.57 0.89
CA SER A 13 -9.01 -2.91 1.74
C SER A 13 -8.34 -2.26 2.96
N ALA A 14 -7.23 -1.58 2.74
CA ALA A 14 -6.53 -0.92 3.88
C ALA A 14 -7.14 0.45 4.20
N GLY A 15 -7.47 0.68 5.44
CA GLY A 15 -8.07 2.00 5.83
C GLY A 15 -6.94 2.98 6.17
N PRO A 16 -6.47 2.92 7.40
CA PRO A 16 -5.38 3.81 7.84
C PRO A 16 -4.03 3.55 7.11
N PRO A 17 -3.71 2.31 6.76
CA PRO A 17 -2.44 2.04 6.05
C PRO A 17 -2.59 2.29 4.54
N TYR A 18 -2.84 3.52 4.17
CA TYR A 18 -3.01 3.84 2.71
C TYR A 18 -1.67 4.27 2.09
N CYS A 19 -1.58 4.27 0.78
CA CYS A 19 -0.31 4.66 0.11
C CYS A 19 -0.26 6.16 -0.18
N CYS A 20 0.88 6.66 -0.60
CA CYS A 20 1.01 8.12 -0.89
C CYS A 20 0.70 8.44 -2.36
N SER A 21 1.13 7.59 -3.25
CA SER A 21 0.87 7.84 -4.71
C SER A 21 -0.51 7.30 -5.09
N SER A 22 -1.23 6.73 -4.15
CA SER A 22 -2.60 6.17 -4.42
C SER A 22 -2.54 4.75 -4.99
N TYR A 23 -1.37 4.20 -5.26
CA TYR A 23 -1.34 2.80 -5.79
C TYR A 23 -0.99 1.81 -4.69
N CYS A 24 -1.47 0.60 -4.81
CA CYS A 24 -1.17 -0.44 -3.77
C CYS A 24 -1.18 -1.84 -4.40
N PHE A 25 -0.08 -2.54 -4.36
CA PHE A 25 -0.01 -3.91 -4.93
C PHE A 25 -0.02 -4.96 -3.81
N GLN A 26 -1.17 -5.48 -3.47
CA GLN A 26 -1.24 -6.51 -2.39
C GLN A 26 -1.82 -7.82 -2.93
N ILE A 27 -1.34 -8.94 -2.43
CA ILE A 27 -1.87 -10.26 -2.92
C ILE A 27 -2.61 -11.00 -1.80
N ALA A 28 -3.29 -12.06 -2.14
CA ALA A 28 -4.06 -12.84 -1.11
C ALA A 28 -3.17 -13.93 -0.48
N GLY A 29 -3.48 -14.33 0.72
CA GLY A 29 -2.67 -15.39 1.40
C GLY A 29 -2.14 -14.84 2.73
N GLN A 30 -1.66 -13.62 2.71
CA GLN A 30 -1.12 -13.00 3.96
C GLN A 30 -1.62 -11.54 4.13
N SER A 31 -2.36 -11.02 3.17
CA SER A 31 -2.86 -9.61 3.27
C SER A 31 -1.68 -8.63 3.31
N TYR A 32 -0.78 -8.74 2.38
CA TYR A 32 0.39 -7.82 2.33
C TYR A 32 0.54 -7.20 0.94
N GLY A 33 0.71 -5.90 0.86
CA GLY A 33 0.82 -5.23 -0.48
C GLY A 33 1.87 -4.11 -0.45
N VAL A 34 2.17 -3.56 -1.60
CA VAL A 34 3.19 -2.46 -1.65
C VAL A 34 2.63 -1.25 -2.41
N CYS A 35 3.05 -0.07 -2.07
CA CYS A 35 2.52 1.14 -2.78
C CYS A 35 3.36 1.48 -4.00
N LYS A 36 2.74 2.12 -4.95
CA LYS A 36 3.44 2.55 -6.20
C LYS A 36 2.79 3.83 -6.76
N ASN A 37 3.18 4.23 -7.95
CA ASN A 37 2.60 5.46 -8.58
C ASN A 37 1.06 5.36 -8.66
N ARG A 38 0.54 4.67 -9.65
CA ARG A 38 -0.94 4.54 -9.78
C ARG A 38 -1.29 3.55 -10.92
N ALA A 1 -0.74 9.33 8.84
CA ALA A 1 0.43 10.24 8.98
C ALA A 1 1.62 9.70 8.18
N GLY A 2 2.08 10.44 7.20
CA GLY A 2 3.23 9.96 6.36
C GLY A 2 2.69 9.09 5.22
N CYS A 3 3.41 8.98 4.13
CA CYS A 3 2.93 8.15 2.98
C CYS A 3 4.11 7.73 2.09
N ILE A 4 4.02 6.60 1.45
CA ILE A 4 5.14 6.13 0.56
C ILE A 4 4.71 6.25 -0.91
N LYS A 5 5.45 6.99 -1.69
CA LYS A 5 5.09 7.14 -3.13
C LYS A 5 5.28 5.82 -3.89
N ASN A 6 6.40 5.16 -3.73
CA ASN A 6 6.63 3.87 -4.45
C ASN A 6 7.42 2.88 -3.58
N GLY A 7 6.91 1.68 -3.44
CA GLY A 7 7.62 0.64 -2.62
C GLY A 7 7.15 0.69 -1.15
N GLY A 8 5.96 1.18 -0.92
CA GLY A 8 5.43 1.26 0.49
C GLY A 8 4.79 -0.08 0.89
N ARG A 9 3.86 -0.05 1.80
CA ARG A 9 3.20 -1.31 2.24
C ARG A 9 1.70 -1.08 2.47
N CYS A 10 0.85 -1.90 1.90
CA CYS A 10 -0.62 -1.72 2.10
C CYS A 10 -1.36 -3.05 2.00
N ASN A 11 -2.67 -3.01 2.14
CA ASN A 11 -3.47 -4.27 2.04
C ASN A 11 -4.97 -3.94 1.89
N ALA A 12 -5.82 -4.93 2.00
CA ALA A 12 -7.29 -4.68 1.86
C ALA A 12 -7.88 -4.18 3.19
N SER A 13 -7.41 -3.06 3.67
CA SER A 13 -7.93 -2.51 4.96
C SER A 13 -7.96 -0.98 4.91
N ALA A 14 -9.04 -0.37 5.32
CA ALA A 14 -9.12 1.12 5.29
C ALA A 14 -8.64 1.72 6.63
N GLY A 15 -7.48 2.34 6.64
CA GLY A 15 -6.96 2.95 7.91
C GLY A 15 -5.51 3.41 7.72
N PRO A 16 -4.64 2.98 8.61
CA PRO A 16 -3.22 3.35 8.54
C PRO A 16 -2.46 2.79 7.30
N PRO A 17 -2.83 1.62 6.79
CA PRO A 17 -2.12 1.05 5.61
C PRO A 17 -2.55 1.73 4.30
N TYR A 18 -2.37 3.03 4.19
CA TYR A 18 -2.75 3.72 2.92
C TYR A 18 -1.50 4.15 2.14
N CYS A 19 -1.58 4.14 0.83
CA CYS A 19 -0.39 4.53 0.01
C CYS A 19 -0.41 6.03 -0.29
N CYS A 20 0.65 6.57 -0.83
CA CYS A 20 0.68 8.05 -1.10
C CYS A 20 0.19 8.39 -2.51
N SER A 21 0.65 7.70 -3.51
CA SER A 21 0.23 8.03 -4.92
C SER A 21 -1.06 7.29 -5.33
N SER A 22 -1.74 6.66 -4.39
CA SER A 22 -3.03 5.91 -4.68
C SER A 22 -2.77 4.49 -5.20
N TYR A 23 -1.53 4.09 -5.43
CA TYR A 23 -1.34 2.68 -5.92
C TYR A 23 -1.01 1.74 -4.76
N CYS A 24 -1.46 0.52 -4.87
CA CYS A 24 -1.19 -0.49 -3.79
C CYS A 24 -1.15 -1.89 -4.39
N PHE A 25 -0.01 -2.52 -4.40
CA PHE A 25 0.12 -3.89 -4.97
C PHE A 25 0.11 -4.93 -3.85
N GLN A 26 -1.06 -5.37 -3.43
CA GLN A 26 -1.14 -6.38 -2.33
C GLN A 26 -1.86 -7.65 -2.85
N ILE A 27 -1.51 -8.80 -2.31
CA ILE A 27 -2.17 -10.06 -2.79
C ILE A 27 -3.11 -10.63 -1.71
N ALA A 28 -3.96 -11.54 -2.09
CA ALA A 28 -4.92 -12.14 -1.10
C ALA A 28 -4.30 -13.35 -0.39
N GLY A 29 -4.36 -13.36 0.93
CA GLY A 29 -3.77 -14.50 1.70
C GLY A 29 -3.29 -13.98 3.05
N GLN A 30 -2.43 -12.99 3.04
CA GLN A 30 -1.91 -12.41 4.33
C GLN A 30 -2.21 -10.90 4.43
N SER A 31 -2.86 -10.33 3.43
CA SER A 31 -3.17 -8.86 3.46
C SER A 31 -1.86 -8.04 3.46
N TYR A 32 -1.01 -8.29 2.50
CA TYR A 32 0.28 -7.53 2.44
C TYR A 32 0.61 -7.15 0.98
N GLY A 33 1.09 -5.95 0.77
CA GLY A 33 1.42 -5.52 -0.62
C GLY A 33 2.39 -4.34 -0.62
N VAL A 34 2.54 -3.69 -1.74
CA VAL A 34 3.48 -2.52 -1.82
C VAL A 34 2.81 -1.34 -2.51
N CYS A 35 3.08 -0.13 -2.09
CA CYS A 35 2.43 1.04 -2.74
C CYS A 35 3.26 1.54 -3.93
N LYS A 36 2.63 2.21 -4.84
CA LYS A 36 3.33 2.73 -6.05
C LYS A 36 2.65 4.01 -6.58
N ASN A 37 3.00 4.43 -7.78
CA ASN A 37 2.42 5.66 -8.38
C ASN A 37 0.92 5.47 -8.70
N ARG A 38 0.58 5.02 -9.88
CA ARG A 38 -0.85 4.84 -10.23
C ARG A 38 -1.05 3.72 -11.25
N ALA A 1 -0.39 12.16 5.74
CA ALA A 1 0.48 11.28 6.59
C ALA A 1 1.74 10.83 5.83
N GLY A 2 2.68 10.23 6.52
CA GLY A 2 3.94 9.77 5.84
C GLY A 2 3.62 8.60 4.91
N CYS A 3 3.81 8.79 3.63
CA CYS A 3 3.53 7.68 2.66
C CYS A 3 4.76 7.43 1.77
N ILE A 4 4.77 6.32 1.07
CA ILE A 4 5.94 6.02 0.17
C ILE A 4 5.55 6.20 -1.30
N LYS A 5 6.28 7.02 -2.02
CA LYS A 5 5.94 7.26 -3.47
C LYS A 5 5.91 5.93 -4.22
N ASN A 6 6.88 5.08 -4.01
CA ASN A 6 6.90 3.76 -4.72
C ASN A 6 7.59 2.69 -3.86
N GLY A 7 6.95 1.57 -3.64
CA GLY A 7 7.58 0.49 -2.83
C GLY A 7 7.15 0.61 -1.36
N GLY A 8 5.97 1.09 -1.10
CA GLY A 8 5.51 1.22 0.33
C GLY A 8 4.89 -0.10 0.78
N ARG A 9 4.03 -0.04 1.77
CA ARG A 9 3.38 -1.30 2.26
C ARG A 9 1.90 -1.05 2.54
N CYS A 10 1.02 -1.79 1.92
CA CYS A 10 -0.45 -1.59 2.18
C CYS A 10 -1.24 -2.89 1.99
N ASN A 11 -2.52 -2.85 2.26
CA ASN A 11 -3.38 -4.06 2.10
C ASN A 11 -4.87 -3.68 2.21
N ALA A 12 -5.76 -4.60 1.93
CA ALA A 12 -7.23 -4.31 2.01
C ALA A 12 -7.63 -3.80 3.41
N SER A 13 -7.14 -4.44 4.45
CA SER A 13 -7.50 -3.98 5.83
C SER A 13 -6.49 -2.93 6.30
N ALA A 14 -6.69 -1.69 5.90
CA ALA A 14 -5.75 -0.61 6.30
C ALA A 14 -6.50 0.60 6.89
N GLY A 15 -7.21 1.35 6.06
CA GLY A 15 -7.96 2.53 6.58
C GLY A 15 -7.11 3.80 6.42
N PRO A 16 -6.67 4.35 7.54
CA PRO A 16 -5.85 5.58 7.52
C PRO A 16 -4.46 5.40 6.85
N PRO A 17 -3.83 4.24 6.96
CA PRO A 17 -2.50 4.04 6.33
C PRO A 17 -2.66 3.84 4.81
N TYR A 18 -2.90 4.89 4.08
CA TYR A 18 -3.06 4.76 2.59
C TYR A 18 -1.70 4.91 1.87
N CYS A 19 -1.66 4.69 0.58
CA CYS A 19 -0.36 4.81 -0.17
C CYS A 19 0.01 6.28 -0.40
N CYS A 20 1.10 6.55 -1.05
CA CYS A 20 1.53 7.97 -1.24
C CYS A 20 0.94 8.61 -2.50
N SER A 21 0.82 7.89 -3.57
CA SER A 21 0.26 8.50 -4.82
C SER A 21 -1.13 7.94 -5.11
N SER A 22 -1.22 6.72 -5.60
CA SER A 22 -2.55 6.13 -5.90
C SER A 22 -2.46 4.63 -6.25
N TYR A 23 -1.44 3.93 -5.77
CA TYR A 23 -1.35 2.48 -6.10
C TYR A 23 -0.98 1.65 -4.88
N CYS A 24 -1.44 0.43 -4.87
CA CYS A 24 -1.14 -0.51 -3.76
C CYS A 24 -1.14 -1.95 -4.31
N PHE A 25 0.02 -2.53 -4.44
CA PHE A 25 0.10 -3.92 -4.99
C PHE A 25 0.06 -4.94 -3.86
N GLN A 26 -1.11 -5.40 -3.49
CA GLN A 26 -1.23 -6.40 -2.39
C GLN A 26 -1.87 -7.69 -2.90
N ILE A 27 -1.50 -8.82 -2.36
CA ILE A 27 -2.10 -10.12 -2.83
C ILE A 27 -2.95 -10.76 -1.73
N ALA A 28 -3.77 -11.73 -2.10
CA ALA A 28 -4.65 -12.40 -1.09
C ALA A 28 -3.90 -13.56 -0.39
N GLY A 29 -4.16 -13.75 0.88
CA GLY A 29 -3.49 -14.84 1.65
C GLY A 29 -3.15 -14.31 3.04
N GLN A 30 -2.47 -13.19 3.11
CA GLN A 30 -2.11 -12.60 4.43
C GLN A 30 -2.45 -11.10 4.50
N SER A 31 -2.95 -10.52 3.42
CA SER A 31 -3.29 -9.06 3.41
C SER A 31 -2.03 -8.20 3.43
N TYR A 32 -1.18 -8.35 2.45
CA TYR A 32 0.08 -7.56 2.40
C TYR A 32 0.45 -7.18 0.96
N GLY A 33 1.03 -6.02 0.77
CA GLY A 33 1.41 -5.59 -0.62
C GLY A 33 2.35 -4.38 -0.57
N VAL A 34 2.41 -3.62 -1.64
CA VAL A 34 3.31 -2.42 -1.66
C VAL A 34 2.66 -1.24 -2.40
N CYS A 35 2.91 -0.04 -1.96
CA CYS A 35 2.29 1.15 -2.65
C CYS A 35 3.18 1.64 -3.79
N LYS A 36 2.59 2.34 -4.70
CA LYS A 36 3.34 2.88 -5.88
C LYS A 36 2.67 4.16 -6.39
N ASN A 37 3.23 4.77 -7.42
CA ASN A 37 2.62 6.01 -7.97
C ASN A 37 1.21 5.72 -8.53
N ARG A 38 1.12 4.86 -9.51
CA ARG A 38 -0.20 4.50 -10.10
C ARG A 38 -0.27 3.01 -10.40
N ALA A 1 1.07 8.87 9.12
CA ALA A 1 2.01 10.01 8.99
C ALA A 1 3.17 9.64 8.05
N GLY A 2 3.19 10.18 6.86
CA GLY A 2 4.29 9.84 5.89
C GLY A 2 3.87 8.63 5.04
N CYS A 3 4.54 8.41 3.94
CA CYS A 3 4.19 7.25 3.06
C CYS A 3 5.35 6.94 2.09
N ILE A 4 5.23 5.88 1.32
CA ILE A 4 6.32 5.52 0.36
C ILE A 4 5.81 5.65 -1.09
N LYS A 5 6.44 6.49 -1.88
CA LYS A 5 6.01 6.67 -3.30
C LYS A 5 6.20 5.39 -4.12
N ASN A 6 7.16 4.57 -3.75
CA ASN A 6 7.39 3.30 -4.52
C ASN A 6 7.88 2.18 -3.59
N GLY A 7 7.16 1.08 -3.55
CA GLY A 7 7.59 -0.06 -2.67
C GLY A 7 7.05 0.12 -1.24
N GLY A 8 5.97 0.84 -1.06
CA GLY A 8 5.42 1.04 0.31
C GLY A 8 4.74 -0.26 0.79
N ARG A 9 3.88 -0.17 1.76
CA ARG A 9 3.19 -1.40 2.25
C ARG A 9 1.70 -1.12 2.51
N CYS A 10 0.83 -1.86 1.90
CA CYS A 10 -0.64 -1.63 2.13
C CYS A 10 -1.44 -2.93 1.97
N ASN A 11 -2.73 -2.84 2.14
CA ASN A 11 -3.59 -4.06 2.00
C ASN A 11 -5.06 -3.65 1.76
N ALA A 12 -5.97 -4.60 1.82
CA ALA A 12 -7.41 -4.28 1.59
C ALA A 12 -8.03 -3.60 2.83
N SER A 13 -7.45 -2.50 3.25
CA SER A 13 -7.99 -1.77 4.44
C SER A 13 -7.76 -0.26 4.31
N ALA A 14 -8.77 0.53 4.56
CA ALA A 14 -8.60 2.02 4.45
C ALA A 14 -8.32 2.63 5.83
N GLY A 15 -7.08 2.73 6.21
CA GLY A 15 -6.73 3.33 7.53
C GLY A 15 -5.22 3.58 7.59
N PRO A 16 -4.58 2.96 8.55
CA PRO A 16 -3.12 3.12 8.70
C PRO A 16 -2.31 2.58 7.48
N PRO A 17 -2.77 1.54 6.82
CA PRO A 17 -2.03 1.01 5.65
C PRO A 17 -2.37 1.83 4.38
N TYR A 18 -2.13 3.12 4.42
CA TYR A 18 -2.44 3.96 3.22
C TYR A 18 -1.16 4.16 2.38
N CYS A 19 -1.31 4.29 1.09
CA CYS A 19 -0.11 4.46 0.20
C CYS A 19 0.27 5.94 0.10
N CYS A 20 1.33 6.24 -0.61
CA CYS A 20 1.78 7.66 -0.72
C CYS A 20 1.13 8.41 -1.90
N SER A 21 1.03 7.80 -3.04
CA SER A 21 0.43 8.52 -4.21
C SER A 21 -0.97 7.96 -4.52
N SER A 22 -1.03 6.78 -5.09
CA SER A 22 -2.36 6.18 -5.41
C SER A 22 -2.25 4.71 -5.87
N TYR A 23 -1.14 4.05 -5.63
CA TYR A 23 -1.04 2.61 -6.06
C TYR A 23 -0.81 1.71 -4.86
N CYS A 24 -1.32 0.51 -4.93
CA CYS A 24 -1.13 -0.47 -3.82
C CYS A 24 -1.17 -1.91 -4.38
N PHE A 25 -0.05 -2.57 -4.47
CA PHE A 25 -0.03 -3.96 -5.00
C PHE A 25 -0.03 -4.98 -3.86
N GLN A 26 -1.19 -5.41 -3.43
CA GLN A 26 -1.25 -6.40 -2.31
C GLN A 26 -1.87 -7.71 -2.79
N ILE A 27 -1.47 -8.82 -2.21
CA ILE A 27 -2.06 -10.13 -2.63
C ILE A 27 -2.75 -10.82 -1.44
N ALA A 28 -3.59 -11.78 -1.72
CA ALA A 28 -4.32 -12.49 -0.63
C ALA A 28 -3.42 -13.52 0.06
N GLY A 29 -3.72 -13.84 1.29
CA GLY A 29 -2.90 -14.83 2.06
C GLY A 29 -2.44 -14.21 3.38
N GLN A 30 -2.00 -12.98 3.33
CA GLN A 30 -1.52 -12.31 4.58
C GLN A 30 -1.88 -10.81 4.62
N SER A 31 -2.62 -10.32 3.65
CA SER A 31 -2.98 -8.86 3.63
C SER A 31 -1.71 -8.00 3.54
N TYR A 32 -0.86 -8.31 2.59
CA TYR A 32 0.40 -7.54 2.44
C TYR A 32 0.62 -7.14 0.97
N GLY A 33 1.04 -5.92 0.74
CA GLY A 33 1.26 -5.46 -0.67
C GLY A 33 2.26 -4.31 -0.70
N VAL A 34 2.37 -3.63 -1.83
CA VAL A 34 3.34 -2.50 -1.92
C VAL A 34 2.69 -1.28 -2.60
N CYS A 35 2.94 -0.11 -2.11
CA CYS A 35 2.32 1.11 -2.72
C CYS A 35 3.20 1.69 -3.84
N LYS A 36 2.58 2.45 -4.70
CA LYS A 36 3.30 3.08 -5.84
C LYS A 36 2.61 4.41 -6.24
N ASN A 37 2.97 4.96 -7.38
CA ASN A 37 2.34 6.24 -7.83
C ASN A 37 0.91 6.03 -8.34
N ARG A 38 0.77 5.49 -9.54
CA ARG A 38 -0.59 5.27 -10.18
C ARG A 38 -1.14 6.58 -10.73
N ALA A 1 2.81 6.56 8.96
CA ALA A 1 4.22 7.01 8.68
C ALA A 1 4.25 7.91 7.44
N GLY A 2 5.41 8.16 6.90
CA GLY A 2 5.51 9.04 5.69
C GLY A 2 4.92 8.29 4.48
N CYS A 3 4.37 9.01 3.54
CA CYS A 3 3.77 8.33 2.34
C CYS A 3 4.88 7.74 1.45
N ILE A 4 4.67 6.56 0.93
CA ILE A 4 5.71 5.94 0.07
C ILE A 4 5.27 5.96 -1.41
N LYS A 5 6.10 6.49 -2.27
CA LYS A 5 5.75 6.56 -3.71
C LYS A 5 6.21 5.29 -4.46
N ASN A 6 7.11 4.54 -3.89
CA ASN A 6 7.62 3.30 -4.56
C ASN A 6 8.02 2.25 -3.50
N GLY A 7 7.32 1.15 -3.44
CA GLY A 7 7.68 0.08 -2.44
C GLY A 7 7.02 0.36 -1.09
N GLY A 8 5.84 0.94 -1.09
CA GLY A 8 5.15 1.21 0.22
C GLY A 8 4.59 -0.11 0.78
N ARG A 9 3.75 -0.04 1.77
CA ARG A 9 3.17 -1.31 2.33
C ARG A 9 1.69 -1.13 2.67
N CYS A 10 0.82 -1.82 1.98
CA CYS A 10 -0.65 -1.69 2.27
C CYS A 10 -1.33 -3.06 2.30
N ASN A 11 -2.59 -3.07 2.61
CA ASN A 11 -3.36 -4.36 2.68
C ASN A 11 -4.87 -4.06 2.59
N ALA A 12 -5.70 -4.77 3.32
CA ALA A 12 -7.18 -4.49 3.28
C ALA A 12 -7.44 -3.00 3.57
N SER A 13 -6.55 -2.37 4.31
CA SER A 13 -6.72 -0.92 4.63
C SER A 13 -5.45 -0.14 4.25
N ALA A 14 -5.32 1.08 4.70
CA ALA A 14 -4.10 1.89 4.36
C ALA A 14 -2.92 1.51 5.28
N GLY A 15 -3.14 1.53 6.58
CA GLY A 15 -2.03 1.18 7.53
C GLY A 15 -1.06 2.36 7.67
N PRO A 16 -0.13 2.24 8.59
CA PRO A 16 0.86 3.32 8.81
C PRO A 16 1.77 3.59 7.57
N PRO A 17 2.08 2.56 6.79
CA PRO A 17 2.91 2.76 5.57
C PRO A 17 2.01 2.90 4.33
N TYR A 18 0.91 3.62 4.47
CA TYR A 18 -0.04 3.79 3.32
C TYR A 18 0.66 4.31 2.06
N CYS A 19 0.00 4.20 0.93
CA CYS A 19 0.59 4.67 -0.36
C CYS A 19 0.58 6.21 -0.41
N CYS A 20 1.39 6.80 -1.25
CA CYS A 20 1.43 8.30 -1.33
C CYS A 20 0.44 8.85 -2.35
N SER A 21 0.37 8.26 -3.51
CA SER A 21 -0.56 8.78 -4.56
C SER A 21 -1.84 7.94 -4.57
N SER A 22 -1.76 6.73 -5.06
CA SER A 22 -2.96 5.86 -5.10
C SER A 22 -2.63 4.42 -5.56
N TYR A 23 -1.39 4.01 -5.62
CA TYR A 23 -1.13 2.60 -6.05
C TYR A 23 -0.79 1.70 -4.86
N CYS A 24 -1.28 0.50 -4.90
CA CYS A 24 -1.02 -0.48 -3.79
C CYS A 24 -1.08 -1.91 -4.34
N PHE A 25 0.05 -2.56 -4.49
CA PHE A 25 0.05 -3.96 -5.02
C PHE A 25 -0.02 -4.97 -3.87
N GLN A 26 -1.20 -5.33 -3.44
CA GLN A 26 -1.34 -6.30 -2.32
C GLN A 26 -1.97 -7.62 -2.80
N ILE A 27 -1.63 -8.71 -2.18
CA ILE A 27 -2.20 -10.04 -2.60
C ILE A 27 -2.84 -10.76 -1.41
N ALA A 28 -3.67 -11.75 -1.69
CA ALA A 28 -4.36 -12.50 -0.59
C ALA A 28 -3.53 -13.73 -0.14
N GLY A 29 -2.27 -13.81 -0.50
CA GLY A 29 -1.45 -14.98 -0.07
C GLY A 29 -0.97 -14.79 1.37
N GLN A 30 -0.34 -13.67 1.64
CA GLN A 30 0.16 -13.41 3.03
C GLN A 30 -0.45 -12.12 3.62
N SER A 31 -1.41 -11.52 2.95
CA SER A 31 -2.03 -10.26 3.47
C SER A 31 -0.99 -9.13 3.47
N TYR A 32 -0.39 -8.89 2.34
CA TYR A 32 0.65 -7.81 2.26
C TYR A 32 0.65 -7.17 0.86
N GLY A 33 0.98 -5.90 0.77
CA GLY A 33 0.99 -5.21 -0.56
C GLY A 33 2.05 -4.12 -0.60
N VAL A 34 2.31 -3.59 -1.77
CA VAL A 34 3.34 -2.51 -1.88
C VAL A 34 2.74 -1.32 -2.65
N CYS A 35 2.93 -0.12 -2.14
CA CYS A 35 2.36 1.06 -2.84
C CYS A 35 3.31 1.60 -3.90
N LYS A 36 2.75 2.35 -4.81
CA LYS A 36 3.56 2.95 -5.92
C LYS A 36 2.94 4.27 -6.39
N ASN A 37 3.60 4.95 -7.28
CA ASN A 37 3.08 6.25 -7.83
C ASN A 37 1.80 5.99 -8.64
N ARG A 38 1.92 5.27 -9.74
CA ARG A 38 0.75 4.95 -10.59
C ARG A 38 1.05 3.75 -11.50
#